data_2P8L
#
_entry.id   2P8L
#
_cell.length_a   58.000
_cell.length_b   64.700
_cell.length_c   177.700
_cell.angle_alpha   90.00
_cell.angle_beta   90.00
_cell.angle_gamma   90.00
#
_symmetry.space_group_name_H-M   'P 21 21 21'
#
loop_
_entity.id
_entity.type
_entity.pdbx_description
1 polymer 'nmAb 2F5, light chain'
2 polymer 'nmAb 2F5, heavy chain'
3 polymer 'gp41 peptide'
4 water water
#
loop_
_entity_poly.entity_id
_entity_poly.type
_entity_poly.pdbx_seq_one_letter_code
_entity_poly.pdbx_strand_id
1 'polypeptide(L)'
;ALQLTQSPSSLSASVGDRITITCRASQGVTSALAWYRQKPGSPPQLLIYDASSLESGVPSRFSGSGSGTEFTLTISTLRP
EDFATYYCQQLHFYPHTFGGGTRVDVRRTVAAPSVFIFPPSDEQLKSGTASVVCLLNNFYPREAKVQWKVDNALQSGNSQ
ESVTEQDSKDSTYSLSSTLTLSKADYEKHKVYECEVTHQGLSSPVTKSFNRGEC
;
A
2 'polypeptide(L)'
;RITLKESGPPLVKPTQTLTLTCSFSGFSLSDFGVGVGWIRQPPGKALEWLAIIYSDDDKRYSPSLNTRLTITKDTSKNQV
VLVMTRVSPVDTATYFCAHRRGPTTLFGVPIARGPVNAMDVWGQGITVTISSTSTKGPSVFPLAPSSKSTAGGTAALGCL
VKDYFPEPVTVSWNSGALTSGVHTFPAVLQSSGLYSLSSVVTVPSSSLGTQTYTCNVNHKPSNTKVDKRVEPKSC
;
B
3 'polypeptide(L)' ELLELDKWASLNW C
#
# COMPACT_ATOMS: atom_id res chain seq x y z
N ALA A 1 -22.27 1.91 -4.48
CA ALA A 1 -22.86 2.48 -3.24
C ALA A 1 -22.35 3.89 -2.97
N LEU A 2 -22.26 4.19 -1.69
CA LEU A 2 -21.79 5.49 -1.24
C LEU A 2 -20.36 5.73 -1.68
N GLN A 3 -20.11 6.96 -2.08
CA GLN A 3 -18.79 7.38 -2.52
C GLN A 3 -18.24 8.31 -1.44
N LEU A 4 -16.97 8.11 -1.10
CA LEU A 4 -16.28 8.90 -0.10
C LEU A 4 -14.99 9.37 -0.75
N THR A 5 -14.99 10.62 -1.19
CA THR A 5 -13.83 11.17 -1.88
C THR A 5 -12.97 12.10 -1.04
N GLN A 6 -11.68 11.81 -0.97
CA GLN A 6 -10.77 12.64 -0.20
C GLN A 6 -10.08 13.62 -1.11
N SER A 7 -9.84 14.81 -0.59
CA SER A 7 -9.16 15.86 -1.31
C SER A 7 -8.23 16.55 -0.33
N PRO A 8 -6.96 16.72 -0.71
CA PRO A 8 -6.50 16.22 -2.01
C PRO A 8 -6.06 14.78 -1.83
N SER A 9 -5.66 14.11 -2.89
CA SER A 9 -5.21 12.73 -2.77
C SER A 9 -3.76 12.72 -2.27
N SER A 10 -3.06 13.81 -2.54
CA SER A 10 -1.67 13.96 -2.11
C SER A 10 -1.43 15.40 -1.68
N LEU A 11 -0.51 15.60 -0.75
CA LEU A 11 -0.26 16.93 -0.21
C LEU A 11 1.17 17.10 0.32
N SER A 12 1.83 18.18 -0.07
CA SER A 12 3.16 18.41 0.45
C SER A 12 3.15 19.52 1.49
N ALA A 13 3.87 19.31 2.57
CA ALA A 13 3.94 20.32 3.61
C ALA A 13 5.21 20.20 4.41
N SER A 14 5.39 21.18 5.30
CA SER A 14 6.57 21.22 6.13
C SER A 14 6.15 21.29 7.58
N VAL A 15 7.08 20.94 8.44
CA VAL A 15 6.87 20.95 9.87
C VAL A 15 6.44 22.35 10.30
N GLY A 16 5.31 22.42 11.00
CA GLY A 16 4.80 23.70 11.45
C GLY A 16 3.60 24.17 10.64
N ASP A 17 3.41 23.61 9.46
CA ASP A 17 2.28 24.02 8.61
C ASP A 17 0.92 23.65 9.16
N ARG A 18 -0.10 24.36 8.69
CA ARG A 18 -1.46 24.07 9.07
C ARG A 18 -2.07 23.50 7.81
N ILE A 19 -2.50 22.24 7.88
CA ILE A 19 -3.06 21.61 6.72
C ILE A 19 -4.49 21.18 6.95
N THR A 20 -5.24 21.07 5.87
CA THR A 20 -6.62 20.66 5.96
C THR A 20 -6.84 19.61 4.88
N ILE A 21 -7.62 18.60 5.23
CA ILE A 21 -7.94 17.52 4.32
C ILE A 21 -9.45 17.41 4.30
N THR A 22 -10.02 17.04 3.16
CA THR A 22 -11.46 16.92 3.12
C THR A 22 -11.95 15.58 2.62
N CYS A 23 -13.16 15.24 3.05
CA CYS A 23 -13.82 14.00 2.66
C CYS A 23 -15.26 14.31 2.38
N ARG A 24 -15.67 14.06 1.15
CA ARG A 24 -17.04 14.30 0.75
C ARG A 24 -17.78 13.01 0.50
N ALA A 25 -19.04 12.97 0.91
CA ALA A 25 -19.83 11.77 0.70
C ALA A 25 -20.91 12.03 -0.35
N SER A 26 -21.21 11.00 -1.14
CA SER A 26 -22.21 11.10 -2.20
C SER A 26 -23.62 11.25 -1.61
N GLN A 27 -23.75 10.96 -0.31
CA GLN A 27 -25.01 11.07 0.42
C GLN A 27 -24.72 11.45 1.85
N GLY A 28 -25.68 12.08 2.49
CA GLY A 28 -25.49 12.50 3.87
C GLY A 28 -25.23 11.35 4.82
N VAL A 29 -24.18 11.49 5.62
CA VAL A 29 -23.82 10.46 6.58
C VAL A 29 -23.94 11.01 8.00
N THR A 30 -24.65 12.13 8.13
CA THR A 30 -24.85 12.80 9.42
C THR A 30 -23.51 13.12 10.02
N SER A 31 -23.28 12.75 11.28
CA SER A 31 -21.98 13.03 11.92
C SER A 31 -21.13 11.75 12.07
N ALA A 32 -21.63 10.65 11.50
CA ALA A 32 -20.95 9.36 11.60
C ALA A 32 -19.72 9.27 10.68
N LEU A 33 -18.67 10.00 11.03
CA LEU A 33 -17.47 9.99 10.22
C LEU A 33 -16.23 9.97 11.09
N ALA A 34 -15.23 9.20 10.68
CA ALA A 34 -14.02 9.12 11.47
C ALA A 34 -12.77 9.42 10.67
N TRP A 35 -11.76 9.96 11.34
CA TRP A 35 -10.48 10.25 10.70
C TRP A 35 -9.39 9.42 11.34
N TYR A 36 -8.47 8.93 10.51
CA TYR A 36 -7.38 8.12 10.98
C TYR A 36 -6.07 8.52 10.33
N ARG A 37 -4.99 8.25 11.04
CA ARG A 37 -3.67 8.51 10.51
C ARG A 37 -2.99 7.17 10.40
N GLN A 38 -2.30 6.92 9.29
CA GLN A 38 -1.62 5.66 9.15
C GLN A 38 -0.20 5.84 8.69
N LYS A 39 0.71 5.43 9.56
CA LYS A 39 2.13 5.50 9.26
C LYS A 39 2.48 4.17 8.63
N PRO A 40 3.42 4.19 7.68
CA PRO A 40 3.81 2.95 7.00
C PRO A 40 4.20 1.83 7.96
N GLY A 41 3.65 0.65 7.70
CA GLY A 41 3.95 -0.52 8.52
C GLY A 41 3.09 -0.64 9.75
N SER A 42 2.20 0.31 9.98
CA SER A 42 1.35 0.24 11.15
C SER A 42 -0.11 0.29 10.83
N PRO A 43 -0.95 -0.01 11.82
CA PRO A 43 -2.37 0.06 11.54
C PRO A 43 -2.83 1.50 11.65
N PRO A 44 -3.98 1.80 11.06
CA PRO A 44 -4.50 3.15 11.12
C PRO A 44 -4.73 3.48 12.58
N GLN A 45 -4.61 4.75 12.92
CA GLN A 45 -4.84 5.15 14.29
C GLN A 45 -5.94 6.19 14.29
N LEU A 46 -6.91 6.00 15.18
CA LEU A 46 -8.05 6.92 15.30
C LEU A 46 -7.67 8.28 15.85
N LEU A 47 -8.15 9.33 15.20
CA LEU A 47 -7.87 10.70 15.61
C LEU A 47 -9.14 11.43 16.02
N ILE A 48 -10.13 11.34 15.15
CA ILE A 48 -11.41 12.01 15.35
C ILE A 48 -12.56 11.04 15.14
N TYR A 49 -13.54 11.07 16.04
CA TYR A 49 -14.71 10.21 15.90
C TYR A 49 -15.95 11.07 15.95
N ASP A 50 -16.97 10.62 15.24
CA ASP A 50 -18.23 11.33 15.16
C ASP A 50 -18.05 12.75 14.62
N ALA A 51 -17.30 12.83 13.53
CA ALA A 51 -17.02 14.07 12.80
C ALA A 51 -16.18 15.14 13.49
N SER A 52 -16.35 15.32 14.79
CA SER A 52 -15.58 16.36 15.45
C SER A 52 -15.06 16.03 16.84
N SER A 53 -15.37 14.86 17.35
CA SER A 53 -14.90 14.53 18.69
C SER A 53 -13.47 14.07 18.69
N LEU A 54 -12.68 14.70 19.55
CA LEU A 54 -11.28 14.37 19.66
C LEU A 54 -11.16 13.10 20.50
N GLU A 55 -10.53 12.10 19.91
CA GLU A 55 -10.34 10.83 20.57
C GLU A 55 -9.30 10.97 21.66
N SER A 56 -9.56 10.32 22.78
CA SER A 56 -8.69 10.36 23.94
C SER A 56 -7.26 9.93 23.65
N GLY A 57 -6.32 10.74 24.11
CA GLY A 57 -4.92 10.46 23.92
C GLY A 57 -4.40 11.12 22.67
N VAL A 58 -5.31 11.59 21.83
CA VAL A 58 -4.88 12.22 20.60
C VAL A 58 -4.59 13.69 20.83
N PRO A 59 -3.43 14.15 20.33
CA PRO A 59 -2.97 15.54 20.45
C PRO A 59 -4.01 16.54 19.96
N SER A 60 -4.11 17.67 20.64
CA SER A 60 -5.06 18.72 20.30
C SER A 60 -4.82 19.43 18.98
N ARG A 61 -3.70 19.17 18.30
CA ARG A 61 -3.49 19.85 17.02
C ARG A 61 -4.41 19.25 15.96
N PHE A 62 -5.05 18.12 16.27
CA PHE A 62 -5.98 17.48 15.34
C PHE A 62 -7.39 17.95 15.61
N SER A 63 -8.10 18.31 14.56
CA SER A 63 -9.46 18.81 14.71
C SER A 63 -10.32 18.39 13.53
N GLY A 64 -11.58 18.13 13.78
CA GLY A 64 -12.45 17.73 12.71
C GLY A 64 -13.75 18.50 12.73
N SER A 65 -14.24 18.85 11.55
CA SER A 65 -15.49 19.59 11.45
C SER A 65 -16.33 19.12 10.27
N GLY A 66 -17.58 19.56 10.26
CA GLY A 66 -18.49 19.20 9.20
C GLY A 66 -19.50 18.16 9.58
N SER A 67 -20.51 18.03 8.72
CA SER A 67 -21.57 17.06 8.88
C SER A 67 -22.25 16.91 7.53
N GLY A 68 -23.05 15.87 7.39
CA GLY A 68 -23.76 15.67 6.14
C GLY A 68 -22.94 15.05 5.03
N THR A 69 -22.34 15.90 4.21
CA THR A 69 -21.56 15.41 3.07
C THR A 69 -20.18 16.01 2.97
N GLU A 70 -19.90 17.01 3.79
CA GLU A 70 -18.61 17.67 3.72
C GLU A 70 -17.88 17.66 5.05
N PHE A 71 -16.71 17.04 5.05
CA PHE A 71 -15.93 16.92 6.25
C PHE A 71 -14.50 17.35 6.05
N THR A 72 -13.93 17.93 7.08
CA THR A 72 -12.56 18.33 6.94
C THR A 72 -11.79 18.02 8.18
N LEU A 73 -10.51 17.71 7.98
CA LEU A 73 -9.62 17.40 9.06
C LEU A 73 -8.53 18.46 8.99
N THR A 74 -8.20 19.04 10.12
CA THR A 74 -7.15 20.02 10.09
C THR A 74 -6.17 19.73 11.19
N ILE A 75 -4.90 19.89 10.84
CA ILE A 75 -3.80 19.67 11.76
C ILE A 75 -3.19 21.05 11.81
N SER A 76 -3.42 21.72 12.94
CA SER A 76 -2.96 23.09 13.11
C SER A 76 -1.47 23.32 12.98
N THR A 77 -0.66 22.44 13.54
CA THR A 77 0.79 22.56 13.46
C THR A 77 1.38 21.21 13.19
N LEU A 78 1.77 20.99 11.94
CA LEU A 78 2.34 19.72 11.53
C LEU A 78 3.59 19.33 12.31
N ARG A 79 3.58 18.11 12.84
CA ARG A 79 4.74 17.59 13.56
C ARG A 79 5.33 16.54 12.59
N PRO A 80 6.58 16.12 12.81
CA PRO A 80 7.28 15.14 11.96
C PRO A 80 6.58 13.78 11.80
N GLU A 81 5.88 13.36 12.84
CA GLU A 81 5.18 12.08 12.81
C GLU A 81 3.85 12.19 12.09
N ASP A 82 3.56 13.36 11.53
CA ASP A 82 2.29 13.54 10.84
C ASP A 82 2.43 13.30 9.36
N PHE A 83 3.67 13.09 8.93
CA PHE A 83 3.88 12.78 7.53
C PHE A 83 3.42 11.36 7.44
N ALA A 84 2.28 11.20 6.78
CA ALA A 84 1.67 9.90 6.67
C ALA A 84 0.49 9.98 5.74
N THR A 85 -0.33 8.93 5.79
CA THR A 85 -1.51 8.86 4.97
C THR A 85 -2.72 8.93 5.88
N TYR A 86 -3.70 9.71 5.47
CA TYR A 86 -4.91 9.88 6.25
C TYR A 86 -6.11 9.29 5.59
N TYR A 87 -7.01 8.75 6.40
CA TYR A 87 -8.21 8.17 5.87
C TYR A 87 -9.45 8.64 6.55
N CYS A 88 -10.54 8.61 5.81
CA CYS A 88 -11.79 8.97 6.43
C CYS A 88 -12.71 7.78 6.26
N GLN A 89 -13.55 7.58 7.27
CA GLN A 89 -14.49 6.50 7.26
C GLN A 89 -15.89 6.93 7.65
N GLN A 90 -16.83 6.43 6.88
CA GLN A 90 -18.24 6.69 7.02
C GLN A 90 -18.86 5.48 7.77
N LEU A 91 -19.76 5.74 8.72
CA LEU A 91 -20.39 4.65 9.49
C LEU A 91 -21.88 4.87 9.70
N HIS A 92 -22.48 5.60 8.79
CA HIS A 92 -23.91 5.88 8.85
C HIS A 92 -24.68 4.85 8.03
N PHE A 93 -24.01 4.28 7.04
CA PHE A 93 -24.59 3.29 6.16
C PHE A 93 -23.68 2.09 6.09
N TYR A 94 -24.26 0.94 5.81
CA TYR A 94 -23.48 -0.27 5.59
C TYR A 94 -23.46 -0.25 4.09
N PRO A 95 -22.32 -0.58 3.49
CA PRO A 95 -21.10 -0.93 4.22
C PRO A 95 -20.37 0.32 4.69
N HIS A 96 -19.57 0.19 5.75
CA HIS A 96 -18.81 1.30 6.32
C HIS A 96 -17.63 1.75 5.46
N THR A 97 -17.91 2.57 4.46
CA THR A 97 -16.93 3.06 3.51
C THR A 97 -15.72 3.85 3.97
N PHE A 98 -14.59 3.53 3.35
CA PHE A 98 -13.36 4.26 3.61
C PHE A 98 -13.06 5.14 2.40
N GLY A 99 -12.41 6.26 2.66
CA GLY A 99 -12.02 7.15 1.57
C GLY A 99 -10.75 6.59 0.95
N GLY A 100 -10.33 7.19 -0.17
CA GLY A 100 -9.14 6.73 -0.86
C GLY A 100 -7.82 7.08 -0.20
N GLY A 101 -7.89 8.01 0.76
CA GLY A 101 -6.70 8.44 1.49
C GLY A 101 -5.99 9.63 0.87
N THR A 102 -5.27 10.38 1.71
CA THR A 102 -4.47 11.49 1.21
C THR A 102 -3.15 11.38 1.91
N ARG A 103 -2.12 11.33 1.09
CA ARG A 103 -0.76 11.21 1.54
C ARG A 103 -0.18 12.58 1.85
N VAL A 104 0.51 12.69 2.96
CA VAL A 104 1.12 13.94 3.34
C VAL A 104 2.62 13.74 3.42
N ASP A 105 3.34 14.27 2.45
CA ASP A 105 4.79 14.12 2.47
C ASP A 105 5.49 15.45 2.65
N VAL A 106 6.80 15.36 2.88
CA VAL A 106 7.66 16.49 3.09
C VAL A 106 7.85 17.27 1.81
N ARG A 107 7.56 18.56 1.87
CA ARG A 107 7.71 19.40 0.70
C ARG A 107 9.15 19.83 0.49
N ARG A 108 9.56 19.89 -0.77
CA ARG A 108 10.89 20.32 -1.12
C ARG A 108 10.79 20.88 -2.52
N THR A 109 11.91 21.33 -3.06
CA THR A 109 11.88 21.92 -4.39
C THR A 109 11.63 20.90 -5.47
N VAL A 110 10.96 21.34 -6.52
CA VAL A 110 10.67 20.47 -7.62
C VAL A 110 11.98 19.97 -8.20
N ALA A 111 12.03 18.67 -8.42
CA ALA A 111 13.20 18.04 -8.95
C ALA A 111 12.80 16.99 -9.95
N ALA A 112 13.25 17.17 -11.18
CA ALA A 112 12.93 16.22 -12.23
C ALA A 112 13.75 14.97 -12.04
N PRO A 113 13.25 13.85 -12.55
CA PRO A 113 13.91 12.55 -12.47
C PRO A 113 15.03 12.37 -13.47
N SER A 114 16.08 11.71 -13.04
CA SER A 114 17.18 11.37 -13.94
C SER A 114 16.62 10.08 -14.51
N VAL A 115 16.52 10.00 -15.83
CA VAL A 115 15.97 8.81 -16.47
C VAL A 115 17.00 7.93 -17.13
N PHE A 116 16.90 6.63 -16.88
CA PHE A 116 17.82 5.66 -17.45
C PHE A 116 17.04 4.47 -17.96
N ILE A 117 17.52 3.88 -19.04
CA ILE A 117 16.85 2.71 -19.56
C ILE A 117 17.87 1.59 -19.67
N PHE A 118 17.48 0.42 -19.19
CA PHE A 118 18.33 -0.75 -19.19
C PHE A 118 17.81 -1.84 -20.07
N PRO A 119 18.61 -2.29 -21.02
CA PRO A 119 18.02 -3.37 -21.81
C PRO A 119 18.21 -4.68 -21.09
N PRO A 120 17.52 -5.72 -21.56
CA PRO A 120 17.64 -7.03 -20.93
C PRO A 120 19.04 -7.56 -21.12
N SER A 121 19.47 -8.40 -20.20
CA SER A 121 20.78 -8.99 -20.27
C SER A 121 20.70 -10.19 -21.18
N ASP A 122 21.83 -10.54 -21.78
CA ASP A 122 21.90 -11.69 -22.65
C ASP A 122 21.65 -12.91 -21.82
N GLU A 123 22.01 -12.83 -20.54
CA GLU A 123 21.79 -13.97 -19.68
C GLU A 123 20.31 -14.24 -19.51
N GLN A 124 19.50 -13.19 -19.47
CA GLN A 124 18.07 -13.39 -19.33
C GLN A 124 17.49 -13.83 -20.66
N LEU A 125 17.93 -13.20 -21.75
CA LEU A 125 17.42 -13.58 -23.05
C LEU A 125 17.50 -15.09 -23.28
N LYS A 126 18.61 -15.71 -22.87
CA LYS A 126 18.79 -17.15 -23.01
C LYS A 126 17.67 -17.93 -22.32
N SER A 127 17.15 -17.36 -21.25
CA SER A 127 16.10 -18.00 -20.49
C SER A 127 14.75 -17.89 -21.17
N GLY A 128 14.70 -17.14 -22.27
CA GLY A 128 13.45 -16.98 -22.99
C GLY A 128 12.59 -15.79 -22.61
N THR A 129 13.06 -14.97 -21.68
CA THR A 129 12.29 -13.80 -21.29
C THR A 129 13.13 -12.54 -21.41
N ALA A 130 12.46 -11.42 -21.64
CA ALA A 130 13.15 -10.16 -21.77
C ALA A 130 12.52 -9.09 -20.91
N SER A 131 13.30 -8.57 -19.96
CA SER A 131 12.83 -7.52 -19.06
C SER A 131 13.56 -6.23 -19.37
N VAL A 132 12.80 -5.18 -19.65
CA VAL A 132 13.38 -3.89 -19.96
C VAL A 132 13.03 -2.97 -18.81
N VAL A 133 14.02 -2.35 -18.16
CA VAL A 133 13.63 -1.47 -17.09
C VAL A 133 14.01 -0.01 -17.25
N CYS A 134 13.13 0.83 -16.73
CA CYS A 134 13.30 2.26 -16.78
C CYS A 134 13.40 2.74 -15.35
N LEU A 135 14.37 3.61 -15.13
CA LEU A 135 14.60 4.16 -13.80
C LEU A 135 14.41 5.67 -13.81
N LEU A 136 13.61 6.13 -12.87
CA LEU A 136 13.36 7.55 -12.68
C LEU A 136 13.97 7.77 -11.33
N ASN A 137 15.14 8.40 -11.31
CA ASN A 137 15.86 8.61 -10.08
C ASN A 137 15.73 10.00 -9.45
N ASN A 138 15.56 9.99 -8.13
CA ASN A 138 15.44 11.20 -7.30
C ASN A 138 14.61 12.37 -7.81
N PHE A 139 13.30 12.19 -7.90
CA PHE A 139 12.44 13.28 -8.36
C PHE A 139 11.45 13.71 -7.31
N TYR A 140 10.82 14.85 -7.59
CA TYR A 140 9.82 15.40 -6.72
C TYR A 140 9.02 16.43 -7.50
N PRO A 141 7.69 16.46 -7.32
CA PRO A 141 6.97 15.58 -6.41
C PRO A 141 6.78 14.13 -6.86
N ARG A 142 6.17 13.34 -5.99
CA ARG A 142 5.94 11.92 -6.20
C ARG A 142 5.22 11.45 -7.45
N GLU A 143 4.29 12.25 -7.96
CA GLU A 143 3.54 11.86 -9.15
C GLU A 143 4.39 11.93 -10.41
N ALA A 144 4.34 10.85 -11.18
CA ALA A 144 5.11 10.77 -12.41
C ALA A 144 4.44 9.78 -13.31
N LYS A 145 4.90 9.71 -14.56
CA LYS A 145 4.27 8.76 -15.42
C LYS A 145 5.14 8.29 -16.56
N VAL A 146 5.19 6.97 -16.66
CA VAL A 146 5.98 6.24 -17.63
C VAL A 146 5.15 5.60 -18.71
N GLN A 147 5.54 5.82 -19.96
CA GLN A 147 4.85 5.20 -21.08
C GLN A 147 5.88 4.46 -21.91
N TRP A 148 5.68 3.15 -22.06
CA TRP A 148 6.60 2.36 -22.86
C TRP A 148 6.17 2.39 -24.31
N LYS A 149 7.15 2.38 -25.20
CA LYS A 149 6.91 2.38 -26.62
C LYS A 149 7.87 1.42 -27.26
N VAL A 150 7.35 0.63 -28.18
CA VAL A 150 8.15 -0.33 -28.89
C VAL A 150 7.85 -0.04 -30.35
N ASP A 151 8.90 0.36 -31.07
CA ASP A 151 8.76 0.75 -32.48
C ASP A 151 7.53 1.63 -32.60
N ASN A 152 7.41 2.53 -31.63
CA ASN A 152 6.32 3.49 -31.56
C ASN A 152 4.96 2.95 -31.23
N ALA A 153 4.89 1.69 -30.88
CA ALA A 153 3.62 1.13 -30.49
C ALA A 153 3.58 1.33 -28.99
N LEU A 154 2.42 1.77 -28.53
CA LEU A 154 2.20 2.02 -27.13
C LEU A 154 2.02 0.71 -26.40
N GLN A 155 2.78 0.51 -25.33
CA GLN A 155 2.66 -0.72 -24.59
C GLN A 155 1.64 -0.57 -23.49
N SER A 156 0.86 -1.60 -23.29
CA SER A 156 -0.12 -1.55 -22.25
C SER A 156 -0.34 -2.96 -21.74
N GLY A 157 -0.51 -3.06 -20.42
CA GLY A 157 -0.72 -4.34 -19.76
C GLY A 157 0.51 -5.21 -19.60
N ASN A 158 1.68 -4.73 -20.04
CA ASN A 158 2.89 -5.53 -19.95
C ASN A 158 4.04 -4.90 -19.18
N SER A 159 3.70 -4.00 -18.26
CA SER A 159 4.73 -3.36 -17.47
C SER A 159 4.25 -3.26 -16.03
N GLN A 160 5.19 -3.07 -15.12
CA GLN A 160 4.88 -2.94 -13.70
C GLN A 160 5.85 -1.95 -13.12
N GLU A 161 5.38 -1.11 -12.23
CA GLU A 161 6.28 -0.14 -11.65
C GLU A 161 6.17 -0.18 -10.14
N SER A 162 7.18 0.36 -9.47
CA SER A 162 7.15 0.43 -8.04
C SER A 162 7.95 1.65 -7.62
N VAL A 163 7.54 2.24 -6.51
CA VAL A 163 8.13 3.47 -6.01
C VAL A 163 8.71 3.32 -4.62
N THR A 164 9.78 4.06 -4.38
CA THR A 164 10.42 4.03 -3.08
C THR A 164 9.67 4.96 -2.16
N GLU A 165 9.98 4.84 -0.88
CA GLU A 165 9.38 5.72 0.11
C GLU A 165 10.21 6.99 -0.01
N GLN A 166 9.63 8.11 0.39
CA GLN A 166 10.34 9.39 0.31
C GLN A 166 11.69 9.25 0.99
N ASP A 167 12.73 9.82 0.38
CA ASP A 167 14.04 9.71 0.98
C ASP A 167 14.17 10.60 2.20
N SER A 168 14.74 10.06 3.28
CA SER A 168 14.90 10.85 4.49
C SER A 168 15.88 12.01 4.39
N LYS A 169 16.74 12.06 3.37
CA LYS A 169 17.60 13.23 3.24
C LYS A 169 17.27 14.03 1.99
N ASP A 170 16.93 13.34 0.91
CA ASP A 170 16.57 13.97 -0.37
C ASP A 170 15.16 14.53 -0.38
N SER A 171 14.26 13.76 0.23
CA SER A 171 12.84 14.06 0.25
C SER A 171 12.35 13.76 -1.17
N THR A 172 13.11 12.93 -1.87
CA THR A 172 12.75 12.55 -3.23
C THR A 172 12.21 11.13 -3.34
N TYR A 173 11.71 10.82 -4.52
CA TYR A 173 11.16 9.52 -4.81
C TYR A 173 11.89 8.96 -6.00
N SER A 174 11.91 7.64 -6.10
CA SER A 174 12.54 6.99 -7.23
C SER A 174 11.55 5.92 -7.70
N LEU A 175 11.48 5.74 -9.01
CA LEU A 175 10.54 4.79 -9.57
C LEU A 175 11.18 3.85 -10.57
N SER A 176 10.68 2.62 -10.55
CA SER A 176 11.17 1.57 -11.42
C SER A 176 10.03 1.05 -12.27
N SER A 177 10.25 0.93 -13.58
CA SER A 177 9.20 0.38 -14.43
C SER A 177 9.80 -0.73 -15.28
N THR A 178 9.23 -1.91 -15.15
CA THR A 178 9.72 -3.06 -15.87
C THR A 178 8.79 -3.50 -16.98
N LEU A 179 9.27 -3.40 -18.20
CA LEU A 179 8.51 -3.84 -19.37
C LEU A 179 8.92 -5.30 -19.54
N THR A 180 7.94 -6.19 -19.67
CA THR A 180 8.25 -7.60 -19.81
C THR A 180 7.71 -8.23 -21.09
N LEU A 181 8.62 -8.81 -21.86
CA LEU A 181 8.26 -9.46 -23.10
C LEU A 181 8.89 -10.82 -23.18
N SER A 182 8.42 -11.62 -24.13
CA SER A 182 8.97 -12.93 -24.37
C SER A 182 10.19 -12.61 -25.24
N LYS A 183 11.15 -13.50 -25.28
CA LYS A 183 12.33 -13.28 -26.09
C LYS A 183 11.97 -13.12 -27.55
N ALA A 184 11.01 -13.92 -28.01
CA ALA A 184 10.56 -13.88 -29.39
C ALA A 184 10.01 -12.49 -29.74
N ASP A 185 9.12 -11.97 -28.90
CA ASP A 185 8.55 -10.65 -29.14
C ASP A 185 9.61 -9.57 -29.03
N TYR A 186 10.52 -9.73 -28.08
CA TYR A 186 11.57 -8.74 -27.90
C TYR A 186 12.43 -8.64 -29.15
N GLU A 187 12.69 -9.79 -29.76
CA GLU A 187 13.54 -9.82 -30.94
C GLU A 187 12.86 -9.51 -32.25
N LYS A 188 11.60 -9.12 -32.16
CA LYS A 188 10.84 -8.75 -33.34
C LYS A 188 10.79 -7.24 -33.47
N HIS A 189 11.53 -6.54 -32.62
CA HIS A 189 11.51 -5.09 -32.68
C HIS A 189 12.87 -4.50 -32.40
N LYS A 190 13.01 -3.20 -32.62
CA LYS A 190 14.29 -2.58 -32.41
C LYS A 190 14.32 -1.38 -31.48
N VAL A 191 13.37 -0.47 -31.62
CA VAL A 191 13.39 0.70 -30.75
C VAL A 191 12.56 0.52 -29.49
N TYR A 192 13.25 0.49 -28.36
CA TYR A 192 12.61 0.37 -27.06
C TYR A 192 12.73 1.71 -26.38
N GLU A 193 11.56 2.27 -26.05
CA GLU A 193 11.49 3.60 -25.49
C GLU A 193 10.74 3.77 -24.18
N CYS A 194 11.32 4.55 -23.29
CA CYS A 194 10.71 4.86 -22.02
C CYS A 194 10.41 6.35 -22.05
N GLU A 195 9.15 6.71 -22.09
CA GLU A 195 8.79 8.13 -22.11
C GLU A 195 8.34 8.54 -20.72
N VAL A 196 8.92 9.62 -20.22
CA VAL A 196 8.63 10.08 -18.88
C VAL A 196 8.03 11.47 -18.77
N THR A 197 6.93 11.54 -18.04
CA THR A 197 6.25 12.79 -17.83
C THR A 197 6.32 13.14 -16.36
N HIS A 198 6.82 14.34 -16.11
CA HIS A 198 6.95 14.81 -14.75
C HIS A 198 6.81 16.30 -14.76
N GLN A 199 6.41 16.80 -13.61
CA GLN A 199 6.21 18.22 -13.43
C GLN A 199 7.51 18.99 -13.54
N GLY A 200 8.63 18.32 -13.27
CA GLY A 200 9.93 18.96 -13.32
C GLY A 200 10.53 19.00 -14.72
N LEU A 201 9.79 18.51 -15.70
CA LEU A 201 10.26 18.52 -17.08
C LEU A 201 9.34 19.38 -17.91
N SER A 202 9.92 20.26 -18.72
CA SER A 202 9.14 21.15 -19.58
C SER A 202 8.30 20.27 -20.48
N SER A 203 8.96 19.27 -21.03
CA SER A 203 8.32 18.34 -21.90
C SER A 203 8.78 16.97 -21.47
N PRO A 204 8.19 15.93 -22.07
CA PRO A 204 8.52 14.54 -21.75
C PRO A 204 9.90 14.15 -22.27
N VAL A 205 10.64 13.48 -21.40
CA VAL A 205 11.96 13.01 -21.76
C VAL A 205 11.80 11.55 -22.16
N THR A 206 12.44 11.18 -23.26
CA THR A 206 12.38 9.82 -23.75
C THR A 206 13.80 9.27 -23.76
N LYS A 207 13.94 8.06 -23.25
CA LYS A 207 15.22 7.39 -23.22
C LYS A 207 15.03 6.11 -24.00
N SER A 208 15.97 5.82 -24.88
CA SER A 208 15.80 4.64 -25.70
C SER A 208 17.06 3.99 -26.20
N PHE A 209 16.86 2.81 -26.78
CA PHE A 209 17.92 2.04 -27.39
C PHE A 209 17.35 1.24 -28.55
N ASN A 210 18.25 0.85 -29.44
CA ASN A 210 17.94 0.05 -30.60
C ASN A 210 18.45 -1.33 -30.32
N ARG A 211 17.55 -2.29 -30.22
CA ARG A 211 17.98 -3.64 -29.96
C ARG A 211 18.84 -4.14 -31.12
N GLY A 212 19.81 -4.97 -30.79
CA GLY A 212 20.68 -5.54 -31.79
C GLY A 212 21.69 -4.58 -32.39
N GLU A 213 21.44 -3.28 -32.20
CA GLU A 213 22.33 -2.26 -32.74
C GLU A 213 23.65 -2.25 -32.03
N CYS A 214 24.65 -2.84 -32.68
CA CYS A 214 25.96 -2.96 -32.09
C CYS A 214 27.01 -2.07 -32.75
N ARG B 1 -7.24 -1.45 29.13
CA ARG B 1 -6.62 -1.37 27.79
C ARG B 1 -7.13 -2.44 26.82
N ILE B 2 -7.43 -2.01 25.60
CA ILE B 2 -7.93 -2.91 24.58
C ILE B 2 -6.87 -3.28 23.56
N THR B 3 -6.79 -4.56 23.24
CA THR B 3 -5.82 -5.01 22.26
C THR B 3 -6.40 -6.12 21.42
N LEU B 4 -6.12 -6.07 20.12
CA LEU B 4 -6.59 -7.09 19.21
C LEU B 4 -5.38 -7.57 18.46
N LYS B 5 -5.45 -8.81 18.03
CA LYS B 5 -4.35 -9.39 17.29
C LYS B 5 -4.86 -10.42 16.29
N GLU B 6 -4.43 -10.27 15.03
CA GLU B 6 -4.84 -11.17 13.97
C GLU B 6 -3.90 -12.35 13.83
N SER B 7 -4.46 -13.51 13.58
CA SER B 7 -3.65 -14.70 13.39
C SER B 7 -4.24 -15.47 12.24
N GLY B 8 -3.37 -16.22 11.58
CA GLY B 8 -3.79 -17.01 10.45
C GLY B 8 -2.60 -17.37 9.62
N PRO B 9 -2.84 -17.95 8.45
CA PRO B 9 -1.74 -18.35 7.57
C PRO B 9 -1.25 -17.21 6.68
N PRO B 10 0.08 -17.05 6.57
CA PRO B 10 0.66 -15.99 5.74
C PRO B 10 0.54 -16.29 4.25
N LEU B 11 0.31 -17.55 3.93
CA LEU B 11 0.19 -17.97 2.54
C LEU B 11 -1.02 -18.84 2.28
N VAL B 12 -1.69 -18.58 1.16
CA VAL B 12 -2.82 -19.40 0.78
C VAL B 12 -2.82 -19.47 -0.71
N LYS B 13 -3.37 -20.56 -1.22
CA LYS B 13 -3.45 -20.76 -2.65
C LYS B 13 -4.81 -20.40 -3.18
N PRO B 14 -4.86 -19.96 -4.44
CA PRO B 14 -6.09 -19.57 -5.11
C PRO B 14 -7.05 -20.74 -5.07
N THR B 15 -8.33 -20.41 -4.90
CA THR B 15 -9.48 -21.32 -4.79
C THR B 15 -9.64 -21.80 -3.36
N GLN B 16 -8.62 -21.54 -2.55
CA GLN B 16 -8.69 -21.97 -1.17
C GLN B 16 -9.49 -21.10 -0.24
N THR B 17 -9.67 -21.63 0.96
CA THR B 17 -10.42 -20.96 2.00
C THR B 17 -9.46 -20.41 3.05
N LEU B 18 -9.60 -19.12 3.28
CA LEU B 18 -8.78 -18.40 4.22
C LEU B 18 -9.57 -18.15 5.50
N THR B 19 -9.02 -18.59 6.62
CA THR B 19 -9.65 -18.42 7.91
C THR B 19 -8.76 -17.53 8.78
N LEU B 20 -9.32 -16.41 9.23
CA LEU B 20 -8.60 -15.46 10.07
C LEU B 20 -9.23 -15.34 11.45
N THR B 21 -8.37 -15.13 12.44
CA THR B 21 -8.81 -15.02 13.82
C THR B 21 -8.37 -13.73 14.50
N CYS B 22 -9.32 -13.08 15.17
CA CYS B 22 -9.05 -11.87 15.89
C CYS B 22 -9.18 -12.22 17.35
N SER B 23 -8.06 -12.20 18.06
CA SER B 23 -8.03 -12.50 19.49
C SER B 23 -7.90 -11.16 20.19
N PHE B 24 -8.81 -10.87 21.11
CA PHE B 24 -8.77 -9.60 21.80
C PHE B 24 -8.82 -9.72 23.32
N SER B 25 -8.59 -8.58 23.96
CA SER B 25 -8.64 -8.50 25.40
C SER B 25 -8.95 -7.05 25.78
N GLY B 26 -9.55 -6.89 26.95
CA GLY B 26 -9.93 -5.56 27.41
C GLY B 26 -11.41 -5.32 27.21
N PHE B 27 -12.09 -6.24 26.52
CA PHE B 27 -13.52 -6.05 26.31
C PHE B 27 -14.16 -7.40 26.02
N SER B 28 -15.49 -7.45 26.07
CA SER B 28 -16.17 -8.70 25.83
C SER B 28 -17.20 -8.52 24.73
N LEU B 29 -17.44 -9.60 24.00
CA LEU B 29 -18.42 -9.53 22.94
C LEU B 29 -19.76 -9.91 23.55
N SER B 30 -19.90 -9.56 24.83
CA SER B 30 -21.13 -9.77 25.59
C SER B 30 -21.48 -8.37 26.11
N ASP B 31 -20.53 -7.44 25.95
CA ASP B 31 -20.71 -6.05 26.36
C ASP B 31 -21.63 -5.37 25.39
N PHE B 32 -22.52 -4.56 25.94
CA PHE B 32 -23.51 -3.88 25.16
C PHE B 32 -23.04 -3.04 23.96
N GLY B 33 -23.65 -3.35 22.81
CA GLY B 33 -23.38 -2.66 21.57
C GLY B 33 -22.01 -2.75 20.96
N VAL B 34 -21.11 -3.47 21.61
CA VAL B 34 -19.75 -3.60 21.12
C VAL B 34 -19.63 -4.39 19.83
N GLY B 35 -18.72 -3.94 18.97
CA GLY B 35 -18.50 -4.61 17.70
C GLY B 35 -17.04 -4.87 17.40
N VAL B 36 -16.82 -5.82 16.51
CA VAL B 36 -15.47 -6.17 16.04
C VAL B 36 -15.62 -6.28 14.53
N GLY B 37 -14.82 -5.52 13.81
CA GLY B 37 -14.88 -5.55 12.36
C GLY B 37 -13.56 -5.90 11.71
N TRP B 38 -13.62 -6.25 10.43
CA TRP B 38 -12.46 -6.62 9.64
C TRP B 38 -12.27 -5.64 8.50
N ILE B 39 -11.03 -5.21 8.31
CA ILE B 39 -10.69 -4.26 7.27
C ILE B 39 -9.43 -4.77 6.60
N ARG B 40 -9.34 -4.62 5.29
CA ARG B 40 -8.15 -5.11 4.63
C ARG B 40 -7.44 -4.03 3.83
N GLN B 41 -6.18 -4.29 3.52
CA GLN B 41 -5.41 -3.33 2.78
C GLN B 41 -4.38 -3.96 1.85
N PRO B 42 -4.66 -3.93 0.55
CA PRO B 42 -3.75 -4.48 -0.45
C PRO B 42 -2.52 -3.60 -0.39
N PRO B 43 -1.35 -4.18 -0.66
CA PRO B 43 -0.13 -3.35 -0.60
C PRO B 43 -0.17 -2.08 -1.47
N GLY B 44 0.13 -0.95 -0.83
CA GLY B 44 0.13 0.33 -1.51
C GLY B 44 -1.26 0.84 -1.81
N LYS B 45 -2.28 0.19 -1.26
CA LYS B 45 -3.65 0.59 -1.54
C LYS B 45 -4.41 1.14 -0.36
N ALA B 46 -5.67 1.47 -0.61
CA ALA B 46 -6.53 2.02 0.40
C ALA B 46 -7.16 0.94 1.27
N LEU B 47 -7.77 1.41 2.36
CA LEU B 47 -8.46 0.54 3.28
C LEU B 47 -9.77 0.14 2.64
N GLU B 48 -10.15 -1.10 2.87
CA GLU B 48 -11.40 -1.63 2.36
C GLU B 48 -12.11 -2.40 3.46
N TRP B 49 -13.32 -1.94 3.77
CA TRP B 49 -14.15 -2.54 4.80
C TRP B 49 -14.68 -3.92 4.37
N LEU B 50 -14.57 -4.91 5.26
CA LEU B 50 -15.03 -6.25 4.94
C LEU B 50 -16.28 -6.66 5.68
N ALA B 51 -16.27 -6.51 7.00
CA ALA B 51 -17.41 -6.91 7.82
C ALA B 51 -17.32 -6.51 9.27
N ILE B 52 -18.43 -6.69 9.97
CA ILE B 52 -18.48 -6.37 11.38
C ILE B 52 -19.47 -7.28 12.06
N ILE B 53 -19.20 -7.58 13.32
CA ILE B 53 -20.10 -8.41 14.10
C ILE B 53 -20.26 -7.77 15.47
N TYR B 54 -21.47 -7.81 16.01
CA TYR B 54 -21.71 -7.22 17.31
C TYR B 54 -21.98 -8.23 18.40
N SER B 55 -21.89 -7.80 19.65
CA SER B 55 -22.10 -8.72 20.74
C SER B 55 -23.51 -9.31 20.82
N ASP B 56 -24.48 -8.77 20.07
CA ASP B 56 -25.82 -9.36 20.07
C ASP B 56 -25.95 -10.34 18.91
N ASP B 57 -24.83 -10.56 18.24
CA ASP B 57 -24.63 -11.46 17.09
C ASP B 57 -25.10 -10.90 15.74
N ASP B 58 -25.43 -9.62 15.72
CA ASP B 58 -25.84 -8.95 14.49
C ASP B 58 -24.60 -8.94 13.60
N LYS B 59 -24.78 -9.19 12.30
CA LYS B 59 -23.67 -9.22 11.35
C LYS B 59 -23.96 -8.50 10.05
N ARG B 60 -22.93 -7.88 9.49
CA ARG B 60 -23.06 -7.22 8.21
C ARG B 60 -21.80 -7.52 7.43
N TYR B 61 -21.95 -7.57 6.11
CA TYR B 61 -20.84 -7.83 5.22
C TYR B 61 -20.78 -6.85 4.07
N SER B 62 -19.59 -6.71 3.51
CA SER B 62 -19.40 -5.88 2.34
C SER B 62 -20.19 -6.60 1.24
N PRO B 63 -21.08 -5.88 0.54
CA PRO B 63 -21.93 -6.41 -0.54
C PRO B 63 -21.20 -7.03 -1.74
N SER B 64 -19.98 -6.60 -2.00
CA SER B 64 -19.23 -7.13 -3.12
C SER B 64 -18.45 -8.36 -2.70
N LEU B 65 -18.56 -8.72 -1.43
CA LEU B 65 -17.86 -9.88 -0.90
C LEU B 65 -18.76 -10.81 -0.09
N ASN B 66 -20.03 -10.49 0.03
CA ASN B 66 -20.85 -11.33 0.89
C ASN B 66 -21.10 -12.79 0.50
N THR B 67 -20.71 -13.20 -0.69
CA THR B 67 -20.88 -14.60 -1.06
C THR B 67 -19.68 -15.45 -0.64
N ARG B 68 -18.61 -14.78 -0.21
CA ARG B 68 -17.39 -15.48 0.20
C ARG B 68 -17.00 -15.22 1.64
N LEU B 69 -17.75 -14.37 2.35
CA LEU B 69 -17.39 -14.06 3.72
C LEU B 69 -18.32 -14.59 4.79
N THR B 70 -17.71 -15.00 5.88
CA THR B 70 -18.47 -15.46 7.03
C THR B 70 -17.77 -14.90 8.26
N ILE B 71 -18.54 -14.26 9.13
CA ILE B 71 -17.96 -13.73 10.34
C ILE B 71 -18.69 -14.37 11.49
N THR B 72 -17.92 -14.72 12.51
CA THR B 72 -18.47 -15.42 13.64
C THR B 72 -17.67 -15.03 14.86
N LYS B 73 -18.28 -15.11 16.02
CA LYS B 73 -17.55 -14.77 17.23
C LYS B 73 -17.67 -15.90 18.21
N ASP B 74 -16.72 -15.96 19.13
CA ASP B 74 -16.73 -16.96 20.18
C ASP B 74 -16.58 -16.11 21.42
N THR B 75 -17.72 -15.78 22.00
CA THR B 75 -17.77 -14.92 23.17
C THR B 75 -16.91 -15.35 24.33
N SER B 76 -16.84 -16.66 24.58
CA SER B 76 -16.06 -17.19 25.68
C SER B 76 -14.55 -17.20 25.49
N LYS B 77 -14.09 -17.21 24.25
CA LYS B 77 -12.67 -17.23 23.96
C LYS B 77 -12.14 -15.88 23.51
N ASN B 78 -13.05 -14.90 23.51
CA ASN B 78 -12.73 -13.55 23.09
C ASN B 78 -12.09 -13.58 21.73
N GLN B 79 -12.83 -14.10 20.77
CA GLN B 79 -12.35 -14.19 19.41
C GLN B 79 -13.44 -13.94 18.40
N VAL B 80 -13.00 -13.52 17.23
CA VAL B 80 -13.86 -13.29 16.11
C VAL B 80 -13.11 -13.93 14.96
N VAL B 81 -13.85 -14.67 14.15
CA VAL B 81 -13.25 -15.35 13.03
C VAL B 81 -13.87 -14.87 11.73
N LEU B 82 -13.02 -14.78 10.72
CA LEU B 82 -13.46 -14.36 9.40
C LEU B 82 -13.01 -15.42 8.42
N VAL B 83 -13.97 -15.96 7.67
CA VAL B 83 -13.67 -16.98 6.70
C VAL B 83 -13.92 -16.38 5.31
N MET B 84 -12.95 -16.54 4.42
CA MET B 84 -13.09 -16.05 3.06
C MET B 84 -12.86 -17.26 2.17
N THR B 85 -13.88 -17.64 1.43
CA THR B 85 -13.76 -18.78 0.55
C THR B 85 -13.27 -18.39 -0.83
N ARG B 86 -12.86 -19.41 -1.59
CA ARG B 86 -12.36 -19.25 -2.95
C ARG B 86 -11.60 -17.95 -3.18
N VAL B 87 -10.45 -17.83 -2.54
CA VAL B 87 -9.63 -16.64 -2.66
C VAL B 87 -8.86 -16.61 -3.97
N SER B 88 -8.41 -15.42 -4.32
CA SER B 88 -7.63 -15.22 -5.52
C SER B 88 -6.55 -14.22 -5.15
N PRO B 89 -5.61 -13.96 -6.06
CA PRO B 89 -4.50 -13.02 -5.85
C PRO B 89 -4.88 -11.60 -5.48
N VAL B 90 -6.08 -11.18 -5.82
CA VAL B 90 -6.48 -9.83 -5.47
C VAL B 90 -6.81 -9.78 -3.99
N ASP B 91 -6.92 -10.95 -3.38
CA ASP B 91 -7.23 -11.02 -1.97
C ASP B 91 -5.97 -10.85 -1.11
N THR B 92 -4.79 -10.79 -1.73
CA THR B 92 -3.61 -10.61 -0.91
C THR B 92 -3.64 -9.18 -0.42
N ALA B 93 -3.50 -9.06 0.89
CA ALA B 93 -3.57 -7.78 1.55
C ALA B 93 -3.21 -7.99 3.01
N THR B 94 -3.15 -6.90 3.76
CA THR B 94 -2.93 -7.02 5.18
C THR B 94 -4.33 -6.95 5.74
N TYR B 95 -4.66 -7.90 6.62
CA TYR B 95 -5.96 -7.96 7.24
C TYR B 95 -5.96 -7.45 8.66
N PHE B 96 -6.90 -6.54 8.95
CA PHE B 96 -7.00 -5.98 10.28
C PHE B 96 -8.33 -6.24 10.93
N CYS B 97 -8.29 -6.45 12.23
CA CYS B 97 -9.54 -6.56 12.95
C CYS B 97 -9.50 -5.34 13.87
N ALA B 98 -10.68 -4.83 14.18
CA ALA B 98 -10.74 -3.64 15.00
C ALA B 98 -11.97 -3.61 15.88
N HIS B 99 -11.84 -2.83 16.94
CA HIS B 99 -12.91 -2.69 17.90
C HIS B 99 -13.78 -1.48 17.61
N ARG B 100 -15.06 -1.63 17.90
CA ARG B 100 -16.01 -0.56 17.72
C ARG B 100 -16.75 -0.42 19.04
N ARG B 101 -16.73 0.77 19.60
CA ARG B 101 -17.42 0.99 20.85
C ARG B 101 -18.91 0.90 20.68
N GLY B 102 -19.57 0.52 21.76
CA GLY B 102 -21.01 0.48 21.77
C GLY B 102 -21.40 1.85 22.34
N PRO B 103 -22.70 2.13 22.45
CA PRO B 103 -23.13 3.41 22.98
C PRO B 103 -22.81 3.58 24.45
N THR B 104 -22.56 4.82 24.84
CA THR B 104 -22.27 5.15 26.22
C THR B 104 -23.56 4.96 27.00
N THR B 105 -23.45 4.40 28.20
CA THR B 105 -24.63 4.20 29.02
C THR B 105 -24.48 4.88 30.39
N LEU B 106 -25.63 5.23 30.96
CA LEU B 106 -25.67 5.86 32.27
C LEU B 106 -26.70 5.05 33.05
N PHE B 107 -26.23 4.32 34.05
CA PHE B 107 -27.09 3.46 34.85
C PHE B 107 -27.80 2.53 33.89
N GLY B 108 -26.99 1.83 33.09
CA GLY B 108 -27.54 0.88 32.13
C GLY B 108 -28.57 1.47 31.19
N VAL B 109 -28.27 2.64 30.63
CA VAL B 109 -29.17 3.30 29.70
C VAL B 109 -28.33 4.05 28.67
N PRO B 110 -28.49 3.73 27.37
CA PRO B 110 -27.72 4.43 26.35
C PRO B 110 -28.05 5.91 26.34
N ILE B 111 -27.02 6.75 26.48
CA ILE B 111 -27.21 8.20 26.50
C ILE B 111 -26.43 8.93 25.42
N ALA B 112 -25.41 8.28 24.86
CA ALA B 112 -24.60 8.89 23.81
C ALA B 112 -24.21 7.86 22.77
N ARG B 113 -24.60 8.10 21.52
CA ARG B 113 -24.27 7.18 20.45
C ARG B 113 -23.07 7.68 19.65
N GLY B 114 -22.60 8.88 19.97
CA GLY B 114 -21.48 9.43 19.26
C GLY B 114 -20.23 8.56 19.22
N PRO B 115 -19.83 7.95 20.34
CA PRO B 115 -18.64 7.11 20.35
C PRO B 115 -18.63 5.88 19.43
N VAL B 116 -19.79 5.53 18.85
CA VAL B 116 -19.84 4.37 17.95
C VAL B 116 -19.38 4.72 16.55
N ASN B 117 -19.23 6.01 16.28
CA ASN B 117 -18.83 6.44 14.96
C ASN B 117 -17.32 6.46 14.71
N ALA B 118 -16.75 5.25 14.71
CA ALA B 118 -15.33 5.04 14.49
C ALA B 118 -14.93 3.64 14.90
N MET B 119 -13.76 3.22 14.44
CA MET B 119 -13.21 1.93 14.83
C MET B 119 -12.02 2.46 15.63
N ASP B 120 -12.14 2.45 16.95
CA ASP B 120 -11.15 3.03 17.86
C ASP B 120 -9.85 2.30 18.19
N VAL B 121 -9.83 0.98 18.15
CA VAL B 121 -8.61 0.26 18.44
C VAL B 121 -8.42 -0.80 17.37
N TRP B 122 -7.23 -0.82 16.79
CA TRP B 122 -6.93 -1.75 15.73
C TRP B 122 -5.83 -2.73 16.10
N GLY B 123 -5.85 -3.86 15.43
CA GLY B 123 -4.82 -4.84 15.64
C GLY B 123 -3.67 -4.42 14.72
N GLN B 124 -2.50 -5.02 14.93
CA GLN B 124 -1.32 -4.70 14.14
C GLN B 124 -1.49 -5.12 12.67
N GLY B 125 -2.27 -6.16 12.44
CA GLY B 125 -2.51 -6.63 11.09
C GLY B 125 -1.71 -7.84 10.69
N ILE B 126 -2.31 -8.69 9.87
CA ILE B 126 -1.60 -9.86 9.38
C ILE B 126 -1.54 -9.85 7.87
N THR B 127 -0.35 -10.12 7.36
CA THR B 127 -0.16 -10.13 5.93
C THR B 127 -0.47 -11.49 5.32
N VAL B 128 -1.33 -11.47 4.31
CA VAL B 128 -1.72 -12.69 3.64
C VAL B 128 -1.45 -12.57 2.15
N THR B 129 -0.68 -13.51 1.64
CA THR B 129 -0.36 -13.54 0.22
C THR B 129 -1.05 -14.72 -0.44
N ILE B 130 -1.62 -14.49 -1.60
CA ILE B 130 -2.31 -15.54 -2.37
C ILE B 130 -1.52 -15.86 -3.63
N SER B 131 -0.94 -17.05 -3.65
CA SER B 131 -0.15 -17.49 -4.78
C SER B 131 -0.24 -19.02 -4.87
N SER B 132 -0.25 -19.51 -6.10
CA SER B 132 -0.31 -20.96 -6.39
C SER B 132 1.14 -21.37 -6.46
N THR B 133 2.00 -20.54 -5.89
CA THR B 133 3.41 -20.74 -6.01
C THR B 133 4.24 -21.35 -4.87
N SER B 134 5.29 -22.07 -5.26
CA SER B 134 6.16 -22.71 -4.30
C SER B 134 7.47 -21.97 -4.12
N THR B 135 8.12 -22.25 -3.01
CA THR B 135 9.37 -21.62 -2.68
C THR B 135 10.32 -21.69 -3.84
N LYS B 136 10.80 -20.51 -4.23
CA LYS B 136 11.67 -20.42 -5.38
C LYS B 136 12.68 -19.28 -5.31
N GLY B 137 13.95 -19.63 -5.48
CA GLY B 137 15.01 -18.63 -5.46
C GLY B 137 15.02 -17.80 -6.73
N PRO B 138 15.52 -16.56 -6.64
CA PRO B 138 15.62 -15.60 -7.73
C PRO B 138 16.73 -15.83 -8.75
N SER B 139 16.54 -15.20 -9.91
CA SER B 139 17.51 -15.21 -10.99
C SER B 139 17.98 -13.77 -10.92
N VAL B 140 19.28 -13.56 -10.84
CA VAL B 140 19.79 -12.21 -10.76
C VAL B 140 20.42 -11.77 -12.06
N PHE B 141 19.92 -10.66 -12.58
CA PHE B 141 20.39 -10.13 -13.84
C PHE B 141 20.97 -8.75 -13.68
N PRO B 142 21.98 -8.44 -14.49
CA PRO B 142 22.66 -7.15 -14.49
C PRO B 142 21.85 -6.04 -15.14
N LEU B 143 21.94 -4.86 -14.55
CA LEU B 143 21.28 -3.67 -15.09
C LEU B 143 22.46 -2.76 -15.33
N ALA B 144 22.90 -2.74 -16.59
CA ALA B 144 24.04 -1.95 -16.96
C ALA B 144 23.70 -0.91 -18.00
N PRO B 145 24.33 0.26 -17.87
CA PRO B 145 24.21 1.45 -18.72
C PRO B 145 23.83 1.08 -20.15
N THR B 154 26.38 11.49 -13.87
CA THR B 154 26.09 10.39 -12.95
C THR B 154 25.63 9.18 -13.75
N ALA B 155 26.12 8.01 -13.37
CA ALA B 155 25.73 6.77 -14.05
C ALA B 155 24.83 5.90 -13.16
N ALA B 156 24.02 5.06 -13.79
CA ALA B 156 23.12 4.20 -13.05
C ALA B 156 23.33 2.73 -13.37
N LEU B 157 23.17 1.88 -12.36
CA LEU B 157 23.29 0.47 -12.59
C LEU B 157 22.60 -0.30 -11.50
N GLY B 158 22.40 -1.59 -11.74
CA GLY B 158 21.74 -2.38 -10.74
C GLY B 158 21.66 -3.85 -11.03
N CYS B 159 20.85 -4.51 -10.21
CA CYS B 159 20.61 -5.93 -10.31
C CYS B 159 19.12 -6.22 -10.25
N LEU B 160 18.63 -6.88 -11.28
CA LEU B 160 17.23 -7.25 -11.37
C LEU B 160 17.07 -8.59 -10.66
N VAL B 161 16.29 -8.60 -9.58
CA VAL B 161 16.07 -9.84 -8.84
C VAL B 161 14.73 -10.42 -9.22
N LYS B 162 14.78 -11.35 -10.16
CA LYS B 162 13.57 -11.90 -10.70
C LYS B 162 13.13 -13.32 -10.37
N ASP B 163 11.81 -13.46 -10.36
CA ASP B 163 11.10 -14.70 -10.15
C ASP B 163 11.33 -15.51 -8.90
N TYR B 164 11.08 -14.90 -7.75
CA TYR B 164 11.26 -15.62 -6.53
C TYR B 164 10.00 -15.64 -5.70
N PHE B 165 10.04 -16.47 -4.66
CA PHE B 165 8.92 -16.63 -3.79
C PHE B 165 9.38 -17.46 -2.61
N PRO B 166 8.96 -17.06 -1.40
CA PRO B 166 8.12 -15.89 -1.22
C PRO B 166 9.02 -14.75 -0.79
N GLU B 167 8.43 -13.75 -0.16
CA GLU B 167 9.21 -12.64 0.36
C GLU B 167 9.77 -13.13 1.69
N PRO B 168 10.86 -12.53 2.15
CA PRO B 168 11.46 -11.44 1.40
C PRO B 168 12.82 -11.79 0.84
N VAL B 169 13.46 -10.76 0.31
CA VAL B 169 14.79 -10.90 -0.23
C VAL B 169 15.57 -9.68 0.24
N THR B 170 16.85 -9.87 0.52
CA THR B 170 17.71 -8.78 0.98
C THR B 170 18.71 -8.51 -0.13
N VAL B 171 19.07 -7.25 -0.30
CA VAL B 171 20.02 -6.88 -1.34
C VAL B 171 20.93 -5.78 -0.82
N SER B 172 22.23 -5.98 -0.95
CA SER B 172 23.18 -4.97 -0.54
C SER B 172 24.15 -4.77 -1.69
N TRP B 173 24.98 -3.74 -1.56
CA TRP B 173 25.98 -3.47 -2.56
C TRP B 173 27.35 -3.45 -1.91
N ASN B 174 28.30 -4.07 -2.61
CA ASN B 174 29.67 -4.17 -2.15
C ASN B 174 29.76 -4.64 -0.71
N SER B 175 29.00 -5.68 -0.42
CA SER B 175 28.96 -6.30 0.90
C SER B 175 28.54 -5.42 2.07
N GLY B 176 27.83 -4.33 1.77
CA GLY B 176 27.37 -3.44 2.81
C GLY B 176 28.10 -2.10 2.79
N ALA B 177 29.15 -2.02 2.00
CA ALA B 177 29.97 -0.81 1.91
C ALA B 177 29.42 0.29 1.01
N LEU B 178 28.55 -0.08 0.08
CA LEU B 178 27.95 0.92 -0.79
C LEU B 178 26.54 1.12 -0.25
N THR B 179 26.25 2.30 0.26
CA THR B 179 24.91 2.56 0.79
C THR B 179 24.34 3.78 0.13
N SER B 180 25.22 4.72 -0.16
CA SER B 180 24.82 5.97 -0.76
C SER B 180 24.46 5.90 -2.24
N GLY B 181 23.27 6.40 -2.57
CA GLY B 181 22.81 6.39 -3.94
C GLY B 181 22.17 5.06 -4.32
N VAL B 182 21.83 4.26 -3.32
CA VAL B 182 21.21 2.97 -3.55
C VAL B 182 19.70 3.05 -3.40
N HIS B 183 18.99 2.38 -4.30
CA HIS B 183 17.56 2.34 -4.23
C HIS B 183 17.10 0.93 -4.52
N THR B 184 16.58 0.29 -3.48
CA THR B 184 16.07 -1.04 -3.64
C THR B 184 14.57 -0.85 -3.59
N PHE B 185 13.98 -1.10 -4.75
CA PHE B 185 12.55 -0.97 -4.93
C PHE B 185 11.77 -2.09 -4.34
N PRO B 186 10.55 -1.78 -3.89
CA PRO B 186 9.69 -2.80 -3.31
C PRO B 186 9.33 -3.77 -4.43
N ALA B 187 9.22 -5.03 -4.07
CA ALA B 187 8.91 -6.06 -5.05
C ALA B 187 7.47 -5.99 -5.53
N VAL B 188 7.29 -6.45 -6.76
CA VAL B 188 5.98 -6.50 -7.36
C VAL B 188 5.64 -7.97 -7.55
N LEU B 189 4.39 -8.31 -7.25
CA LEU B 189 3.95 -9.67 -7.39
C LEU B 189 3.51 -9.80 -8.82
N GLN B 190 4.23 -10.63 -9.58
CA GLN B 190 3.91 -10.82 -10.97
C GLN B 190 2.71 -11.74 -11.15
N SER B 191 2.11 -11.63 -12.33
CA SER B 191 0.96 -12.43 -12.72
C SER B 191 1.26 -13.90 -12.47
N SER B 192 2.54 -14.26 -12.55
CA SER B 192 2.94 -15.65 -12.37
C SER B 192 2.98 -16.11 -10.92
N GLY B 193 2.78 -15.18 -9.98
CA GLY B 193 2.78 -15.56 -8.58
C GLY B 193 4.16 -15.48 -7.96
N LEU B 194 5.11 -15.01 -8.76
CA LEU B 194 6.48 -14.86 -8.31
C LEU B 194 6.77 -13.38 -8.19
N TYR B 195 7.64 -13.04 -7.26
CA TYR B 195 8.00 -11.66 -7.05
C TYR B 195 9.13 -11.24 -7.96
N SER B 196 9.35 -9.94 -8.00
CA SER B 196 10.41 -9.39 -8.80
C SER B 196 10.71 -7.99 -8.34
N LEU B 197 12.00 -7.67 -8.30
CA LEU B 197 12.39 -6.34 -7.88
C LEU B 197 13.74 -5.94 -8.43
N SER B 198 14.01 -4.66 -8.33
CA SER B 198 15.27 -4.18 -8.81
C SER B 198 15.97 -3.36 -7.75
N SER B 199 17.29 -3.40 -7.78
CA SER B 199 18.08 -2.62 -6.86
C SER B 199 19.03 -1.92 -7.78
N VAL B 200 19.08 -0.60 -7.65
CA VAL B 200 19.92 0.20 -8.51
C VAL B 200 20.76 1.12 -7.67
N VAL B 201 21.87 1.58 -8.25
CA VAL B 201 22.69 2.50 -7.53
C VAL B 201 23.24 3.51 -8.51
N THR B 202 23.34 4.73 -8.04
CA THR B 202 23.81 5.84 -8.82
C THR B 202 25.20 6.24 -8.33
N VAL B 203 26.10 6.42 -9.28
CA VAL B 203 27.47 6.75 -8.97
C VAL B 203 28.08 7.74 -9.94
N PRO B 204 29.20 8.34 -9.54
CA PRO B 204 29.90 9.29 -10.39
C PRO B 204 30.46 8.56 -11.61
N SER B 205 29.95 8.95 -12.77
CA SER B 205 30.32 8.37 -14.05
C SER B 205 31.84 8.20 -14.12
N SER B 206 32.53 8.92 -13.25
CA SER B 206 33.99 8.85 -13.17
C SER B 206 34.42 7.52 -12.55
N SER B 207 33.79 7.17 -11.44
CA SER B 207 34.07 5.95 -10.66
C SER B 207 34.14 4.61 -11.39
N LEU B 208 33.27 4.41 -12.37
CA LEU B 208 33.24 3.15 -13.11
C LEU B 208 34.63 2.59 -13.39
N GLN B 211 36.49 1.57 -9.27
CA GLN B 211 35.52 0.99 -8.37
C GLN B 211 34.66 -0.08 -9.05
N THR B 212 34.49 -1.20 -8.36
CA THR B 212 33.68 -2.29 -8.88
C THR B 212 32.35 -2.30 -8.12
N TYR B 213 31.30 -2.79 -8.75
CA TYR B 213 30.00 -2.83 -8.10
C TYR B 213 29.35 -4.20 -8.16
N THR B 214 29.03 -4.74 -6.99
CA THR B 214 28.38 -6.05 -6.96
C THR B 214 27.22 -6.08 -5.99
N CYS B 215 26.14 -6.72 -6.42
CA CYS B 215 24.91 -6.85 -5.66
C CYS B 215 24.86 -8.13 -4.88
N ASN B 216 24.84 -8.02 -3.57
CA ASN B 216 24.77 -9.18 -2.73
C ASN B 216 23.30 -9.46 -2.49
N VAL B 217 22.86 -10.58 -3.03
CA VAL B 217 21.47 -10.99 -2.99
C VAL B 217 21.26 -12.27 -2.21
N ASN B 218 20.37 -12.21 -1.24
CA ASN B 218 20.09 -13.35 -0.39
C ASN B 218 18.60 -13.53 -0.15
N HIS B 219 18.11 -14.68 -0.58
CA HIS B 219 16.71 -15.04 -0.43
C HIS B 219 16.64 -16.27 0.46
N LYS B 220 16.58 -16.04 1.77
CA LYS B 220 16.57 -17.10 2.77
C LYS B 220 15.59 -18.25 2.59
N PRO B 221 14.32 -17.95 2.27
CA PRO B 221 13.32 -19.01 2.07
C PRO B 221 13.82 -20.15 1.19
N SER B 222 14.69 -19.83 0.24
CA SER B 222 15.21 -20.85 -0.67
C SER B 222 16.70 -21.09 -0.50
N ASN B 223 17.31 -20.32 0.40
CA ASN B 223 18.74 -20.43 0.64
C ASN B 223 19.47 -20.21 -0.65
N THR B 224 19.16 -19.09 -1.26
CA THR B 224 19.78 -18.73 -2.49
C THR B 224 20.55 -17.48 -2.22
N LYS B 225 21.85 -17.60 -2.41
CA LYS B 225 22.79 -16.54 -2.19
C LYS B 225 23.53 -16.26 -3.48
N VAL B 226 23.52 -14.99 -3.87
CA VAL B 226 24.15 -14.59 -5.10
C VAL B 226 24.88 -13.26 -5.05
N ASP B 227 26.08 -13.25 -5.59
CA ASP B 227 26.86 -12.03 -5.68
C ASP B 227 27.05 -11.78 -7.16
N LYS B 228 26.54 -10.67 -7.66
CA LYS B 228 26.71 -10.37 -9.06
C LYS B 228 27.37 -9.03 -9.26
N ARG B 229 28.49 -9.06 -9.97
CA ARG B 229 29.24 -7.87 -10.28
C ARG B 229 28.63 -7.31 -11.54
N VAL B 230 28.50 -6.00 -11.57
CA VAL B 230 27.88 -5.34 -12.69
C VAL B 230 28.79 -4.33 -13.36
N GLU B 231 29.01 -4.48 -14.66
CA GLU B 231 29.81 -3.48 -15.32
C GLU B 231 29.24 -2.97 -16.62
N PRO B 232 29.73 -1.81 -17.08
CA PRO B 232 29.41 -1.02 -18.28
C PRO B 232 29.40 -1.69 -19.65
N GLU C 1 -29.46 6.55 -2.92
CA GLU C 1 -29.19 5.34 -3.76
C GLU C 1 -29.75 4.10 -3.10
N LEU C 2 -30.08 4.17 -1.80
CA LEU C 2 -30.67 2.98 -1.20
C LEU C 2 -29.73 2.17 -0.39
N LEU C 3 -29.35 2.71 0.73
CA LEU C 3 -28.35 2.08 1.50
C LEU C 3 -28.93 1.66 2.77
N GLU C 4 -28.38 0.63 3.36
CA GLU C 4 -28.92 0.24 4.61
C GLU C 4 -28.29 1.08 5.70
N LEU C 5 -29.08 1.47 6.69
CA LEU C 5 -28.56 2.26 7.79
C LEU C 5 -27.75 1.44 8.78
N ASP C 6 -26.85 2.12 9.46
CA ASP C 6 -25.99 1.50 10.43
C ASP C 6 -26.78 1.08 11.64
N LYS C 7 -26.20 0.24 12.46
CA LYS C 7 -26.85 -0.26 13.64
C LYS C 7 -27.36 0.86 14.54
N TRP C 8 -26.61 1.96 14.62
CA TRP C 8 -27.03 2.98 15.53
C TRP C 8 -27.64 4.20 14.90
N ALA C 9 -28.04 4.11 13.65
CA ALA C 9 -28.62 5.27 13.01
C ALA C 9 -30.04 5.56 13.52
N SER C 10 -30.70 4.57 14.13
CA SER C 10 -32.05 4.77 14.64
C SER C 10 -32.14 4.59 16.16
N LEU C 11 -31.02 4.81 16.85
CA LEU C 11 -31.00 4.69 18.29
C LEU C 11 -31.51 6.05 18.82
#